data_4LXO
#
_entry.id   4LXO
#
_cell.length_a   75.115
_cell.length_b   75.115
_cell.length_c   175.880
_cell.angle_alpha   90.00
_cell.angle_beta   90.00
_cell.angle_gamma   90.00
#
_symmetry.space_group_name_H-M   'P 43 21 2'
#
loop_
_entity.id
_entity.type
_entity.pdbx_description
1 polymer Fibronectin
2 non-polymer 'CALCIUM ION'
3 water water
#
_entity_poly.entity_id   1
_entity_poly.type   'polypeptide(L)'
_entity_poly.pdbx_seq_one_letter_code
;MHHHHHHGLDSPTGIDFSDITANSFTVHWIAPRATITGYRIRHHPEHFSGRPREDRVPHSRNSITLTNLTPGTEYVVSIV
ALNGREESPPLIGQQSTVSDVPRDLEVVAATPTSLLISWDAPAVTVRYYRITYGETGGNSPVQEFTVPGSKSTATISGLK
PGVDYTITVYACRARGDNPDCSKPISINYRT
;
_entity_poly.pdbx_strand_id   A,B
#
loop_
_chem_comp.id
_chem_comp.type
_chem_comp.name
_chem_comp.formula
CA non-polymer 'CALCIUM ION' 'Ca 2'
#
# COMPACT_ATOMS: atom_id res chain seq x y z
N GLY A 8 28.41 -18.63 22.18
CA GLY A 8 27.84 -17.36 21.61
C GLY A 8 26.54 -16.91 22.26
N LEU A 9 26.21 -15.64 22.06
CA LEU A 9 25.01 -15.07 22.67
C LEU A 9 23.84 -15.37 21.76
N ASP A 10 22.78 -15.97 22.33
CA ASP A 10 21.57 -16.29 21.58
C ASP A 10 20.91 -15.02 21.03
N SER A 11 20.34 -15.16 19.83
CA SER A 11 19.63 -14.07 19.18
C SER A 11 18.24 -13.89 19.77
N PRO A 12 17.70 -12.66 19.68
CA PRO A 12 16.28 -12.51 19.91
C PRO A 12 15.52 -13.28 18.83
N THR A 13 14.22 -13.49 19.06
CA THR A 13 13.40 -14.29 18.14
C THR A 13 12.09 -13.57 17.90
N GLY A 14 11.31 -14.09 16.96
CA GLY A 14 9.92 -13.65 16.81
C GLY A 14 9.76 -12.21 16.35
N ILE A 15 10.51 -11.78 15.33
CA ILE A 15 10.34 -10.40 14.87
C ILE A 15 8.94 -10.22 14.31
N ASP A 16 8.31 -9.10 14.63
CA ASP A 16 6.93 -8.88 14.20
C ASP A 16 6.77 -7.39 13.96
N PHE A 17 5.79 -7.01 13.17
CA PHE A 17 5.59 -5.63 12.81
C PHE A 17 4.14 -5.24 13.04
N SER A 18 3.91 -3.99 13.42
CA SER A 18 2.55 -3.50 13.64
C SER A 18 2.49 -2.01 13.31
N ASP A 19 1.26 -1.50 13.26
CA ASP A 19 1.05 -0.05 13.12
C ASP A 19 1.84 0.51 11.94
N ILE A 20 1.67 -0.13 10.79
CA ILE A 20 2.39 0.26 9.59
C ILE A 20 1.72 1.45 8.89
N THR A 21 2.50 2.47 8.58
CA THR A 21 2.01 3.64 7.87
C THR A 21 2.91 3.93 6.69
N ALA A 22 2.69 5.05 6.01
CA ALA A 22 3.59 5.42 4.92
C ALA A 22 4.98 5.82 5.42
N ASN A 23 5.11 6.19 6.70
CA ASN A 23 6.38 6.77 7.17
C ASN A 23 6.90 6.13 8.45
N SER A 24 6.26 5.04 8.89
CA SER A 24 6.66 4.43 10.14
C SER A 24 6.14 3.00 10.24
N PHE A 25 6.71 2.24 11.17
CA PHE A 25 6.09 1.01 11.63
C PHE A 25 6.72 0.68 12.97
N THR A 26 6.05 -0.19 13.72
CA THR A 26 6.58 -0.64 15.02
C THR A 26 7.09 -2.05 14.88
N VAL A 27 8.29 -2.26 15.39
CA VAL A 27 8.96 -3.55 15.36
C VAL A 27 8.90 -4.18 16.75
N HIS A 28 8.66 -5.48 16.81
CA HIS A 28 8.57 -6.23 18.08
C HIS A 28 9.47 -7.45 18.03
N TRP A 29 9.91 -7.91 19.18
CA TRP A 29 10.75 -9.12 19.24
C TRP A 29 10.65 -9.75 20.63
N ILE A 30 11.24 -10.92 20.75
CA ILE A 30 11.24 -11.67 22.00
C ILE A 30 12.68 -11.83 22.44
N ALA A 31 12.95 -11.55 23.71
CA ALA A 31 14.31 -11.65 24.25
C ALA A 31 14.82 -13.09 24.18
N PRO A 32 16.14 -13.28 24.02
CA PRO A 32 16.71 -14.62 24.13
C PRO A 32 16.65 -15.18 25.53
N ARG A 33 16.79 -16.49 25.67
CA ARG A 33 16.88 -17.17 26.97
C ARG A 33 18.33 -17.05 27.46
N ALA A 34 18.75 -15.83 27.79
CA ALA A 34 20.17 -15.53 28.03
C ALA A 34 20.23 -14.25 28.84
N THR A 35 21.35 -14.00 29.48
CA THR A 35 21.62 -12.67 30.01
C THR A 35 21.95 -11.67 28.92
N ILE A 36 21.23 -10.55 28.91
CA ILE A 36 21.51 -9.46 27.95
C ILE A 36 21.59 -8.13 28.64
N THR A 37 22.32 -7.19 28.02
CA THR A 37 22.49 -5.84 28.55
C THR A 37 21.85 -4.79 27.64
N GLY A 38 21.30 -5.19 26.49
CA GLY A 38 20.73 -4.18 25.59
C GLY A 38 20.49 -4.80 24.22
N TYR A 39 19.89 -4.03 23.32
CA TYR A 39 19.77 -4.42 21.92
C TYR A 39 20.31 -3.33 21.01
N ARG A 40 20.79 -3.73 19.84
CA ARG A 40 21.15 -2.77 18.80
C ARG A 40 20.26 -3.06 17.60
N ILE A 41 19.50 -2.06 17.15
CA ILE A 41 18.60 -2.27 16.02
C ILE A 41 19.05 -1.40 14.88
N ARG A 42 19.19 -1.99 13.70
CA ARG A 42 19.55 -1.22 12.51
C ARG A 42 18.44 -1.38 11.50
N HIS A 43 18.26 -0.38 10.67
CA HIS A 43 17.32 -0.50 9.57
C HIS A 43 17.79 0.30 8.38
N HIS A 44 17.51 -0.21 7.19
CA HIS A 44 17.87 0.51 5.95
C HIS A 44 16.88 0.12 4.86
N PRO A 45 16.63 1.02 3.90
CA PRO A 45 15.90 0.62 2.70
C PRO A 45 16.64 -0.50 2.01
N GLU A 46 15.90 -1.49 1.51
CA GLU A 46 16.56 -2.59 0.86
C GLU A 46 17.49 -2.09 -0.27
N HIS A 47 18.64 -2.74 -0.41
CA HIS A 47 19.56 -2.38 -1.54
C HIS A 47 20.34 -1.09 -1.32
N PHE A 48 20.00 -0.29 -0.31
CA PHE A 48 20.82 0.88 -0.01
C PHE A 48 22.21 0.38 0.34
N SER A 49 23.20 0.97 -0.34
CA SER A 49 24.61 0.64 -0.21
C SER A 49 25.32 1.33 0.94
N GLY A 50 24.64 2.24 1.63
CA GLY A 50 25.28 3.00 2.71
C GLY A 50 25.00 2.53 4.12
N ARG A 51 25.25 3.41 5.09
CA ARG A 51 25.12 3.07 6.51
C ARG A 51 23.65 2.92 6.89
N PRO A 52 23.27 1.81 7.54
CA PRO A 52 21.95 1.78 8.15
C PRO A 52 21.77 2.78 9.27
N ARG A 53 20.52 3.18 9.53
CA ARG A 53 20.18 3.91 10.76
C ARG A 53 20.22 2.96 11.94
N GLU A 54 20.57 3.46 13.12
CA GLU A 54 20.83 2.59 14.27
C GLU A 54 20.19 3.19 15.52
N ASP A 55 19.62 2.31 16.34
CA ASP A 55 19.07 2.66 17.64
C ASP A 55 19.54 1.65 18.66
N ARG A 56 19.97 2.16 19.82
CA ARG A 56 20.28 1.31 20.96
C ARG A 56 19.06 1.33 21.88
N VAL A 57 18.56 0.13 22.16
CA VAL A 57 17.34 -0.08 22.91
C VAL A 57 17.64 -0.79 24.25
N PRO A 58 17.03 -0.33 25.34
CA PRO A 58 17.19 -0.95 26.66
C PRO A 58 16.85 -2.43 26.67
N HIS A 59 17.50 -3.22 27.53
CA HIS A 59 17.23 -4.64 27.63
C HIS A 59 15.84 -4.94 28.15
N SER A 60 15.17 -3.97 28.78
CA SER A 60 13.81 -4.19 29.27
C SER A 60 12.74 -4.01 28.20
N ARG A 61 13.14 -3.61 26.99
CA ARG A 61 12.19 -3.26 25.95
C ARG A 61 12.07 -4.42 24.95
N ASN A 62 10.94 -4.49 24.27
CA ASN A 62 10.73 -5.53 23.26
C ASN A 62 10.06 -4.95 22.01
N SER A 63 10.09 -3.63 21.88
CA SER A 63 9.59 -3.00 20.66
C SER A 63 10.20 -1.63 20.46
N ILE A 64 10.11 -1.14 19.22
CA ILE A 64 10.53 0.20 18.88
C ILE A 64 9.70 0.66 17.70
N THR A 65 9.25 1.91 17.73
CA THR A 65 8.59 2.48 16.56
C THR A 65 9.63 3.25 15.74
N LEU A 66 9.80 2.85 14.49
CA LEU A 66 10.74 3.49 13.56
C LEU A 66 9.95 4.54 12.76
N THR A 67 10.48 5.76 12.71
CA THR A 67 9.78 6.87 12.07
C THR A 67 10.66 7.50 10.99
N ASN A 68 10.14 8.52 10.29
CA ASN A 68 10.87 9.15 9.20
C ASN A 68 11.28 8.21 8.10
N LEU A 69 10.44 7.20 7.88
CA LEU A 69 10.69 6.25 6.80
C LEU A 69 10.13 6.79 5.50
N THR A 70 10.59 6.23 4.40
CA THR A 70 10.12 6.63 3.06
C THR A 70 8.92 5.74 2.69
N PRO A 71 7.89 6.31 2.04
CA PRO A 71 6.75 5.50 1.63
C PRO A 71 7.10 4.46 0.59
N GLY A 72 6.30 3.41 0.58
CA GLY A 72 6.38 2.40 -0.48
C GLY A 72 7.73 1.71 -0.55
N THR A 73 8.36 1.51 0.61
CA THR A 73 9.74 1.03 0.61
C THR A 73 9.85 -0.18 1.53
N GLU A 74 10.52 -1.23 1.06
CA GLU A 74 10.82 -2.36 1.93
C GLU A 74 12.11 -2.07 2.70
N TYR A 75 12.00 -2.15 4.03
CA TYR A 75 13.14 -1.97 4.93
C TYR A 75 13.68 -3.31 5.39
N VAL A 76 14.99 -3.38 5.56
CA VAL A 76 15.61 -4.51 6.22
C VAL A 76 15.87 -4.05 7.65
N VAL A 77 15.38 -4.82 8.61
CA VAL A 77 15.53 -4.49 10.03
C VAL A 77 16.30 -5.61 10.69
N SER A 78 17.35 -5.23 11.42
CA SER A 78 18.23 -6.19 12.05
C SER A 78 18.26 -5.92 13.54
N ILE A 79 18.02 -6.91 14.39
CA ILE A 79 18.05 -6.73 15.83
C ILE A 79 19.11 -7.66 16.40
N VAL A 80 20.05 -7.06 17.13
CA VAL A 80 21.11 -7.83 17.76
C VAL A 80 21.00 -7.69 19.27
N ALA A 81 21.01 -8.82 19.98
CA ALA A 81 21.15 -8.79 21.45
C ALA A 81 22.60 -8.49 21.81
N LEU A 82 22.77 -7.70 22.87
CA LEU A 82 24.11 -7.39 23.36
C LEU A 82 24.25 -7.92 24.78
N ASN A 83 25.44 -8.37 25.10
CA ASN A 83 25.78 -8.71 26.47
C ASN A 83 27.17 -8.17 26.70
N GLY A 84 27.26 -6.91 27.09
CA GLY A 84 28.56 -6.29 27.27
C GLY A 84 29.27 -6.34 25.95
N ARG A 85 30.43 -7.01 25.90
CA ARG A 85 31.15 -7.09 24.63
C ARG A 85 30.48 -7.96 23.60
N GLU A 86 29.74 -8.99 24.02
CA GLU A 86 29.29 -9.95 23.03
C GLU A 86 28.04 -9.45 22.32
N GLU A 87 27.91 -9.88 21.07
CA GLU A 87 26.72 -9.61 20.26
C GLU A 87 26.17 -10.93 19.78
N SER A 88 24.85 -11.01 19.64
CA SER A 88 24.25 -12.16 18.98
C SER A 88 24.28 -12.02 17.47
N PRO A 89 24.13 -13.15 16.74
CA PRO A 89 23.77 -13.02 15.34
C PRO A 89 22.46 -12.18 15.25
N PRO A 90 22.26 -11.49 14.14
CA PRO A 90 21.07 -10.65 14.04
C PRO A 90 19.81 -11.46 13.79
N LEU A 91 18.73 -10.94 14.35
CA LEU A 91 17.36 -11.33 13.99
C LEU A 91 16.92 -10.35 12.91
N ILE A 92 16.57 -10.87 11.74
CA ILE A 92 16.31 -10.01 10.59
C ILE A 92 14.84 -10.13 10.15
N GLY A 93 14.25 -8.99 9.81
CA GLY A 93 12.91 -8.97 9.21
C GLY A 93 12.83 -7.94 8.12
N GLN A 94 11.86 -8.13 7.24
CA GLN A 94 11.68 -7.20 6.13
C GLN A 94 10.22 -6.75 6.12
N GLN A 95 10.00 -5.44 6.12
CA GLN A 95 8.66 -4.87 6.20
C GLN A 95 8.61 -3.65 5.30
N SER A 96 7.53 -3.51 4.52
CA SER A 96 7.37 -2.30 3.70
C SER A 96 6.45 -1.30 4.38
N THR A 97 6.71 -0.03 4.15
CA THR A 97 5.77 1.04 4.44
C THR A 97 4.69 1.14 3.37
N VAL A 98 3.57 1.76 3.72
CA VAL A 98 2.48 1.99 2.77
C VAL A 98 2.96 2.93 1.66
N SER A 99 2.57 2.66 0.43
CA SER A 99 2.86 3.60 -0.67
C SER A 99 1.90 4.79 -0.66
N ASP A 100 2.47 5.98 -0.93
CA ASP A 100 1.63 7.17 -1.09
C ASP A 100 1.41 7.57 -2.55
N VAL A 101 1.80 6.71 -3.50
CA VAL A 101 1.77 7.09 -4.92
C VAL A 101 0.43 6.63 -5.50
N PRO A 102 -0.21 7.49 -6.31
CA PRO A 102 -1.42 7.05 -7.01
C PRO A 102 -1.11 5.88 -7.95
N ARG A 103 -2.13 5.13 -8.32
CA ARG A 103 -1.93 4.02 -9.24
C ARG A 103 -2.86 4.07 -10.43
N ASP A 104 -2.47 3.37 -11.49
CA ASP A 104 -3.38 3.10 -12.59
C ASP A 104 -3.97 4.35 -13.25
N LEU A 105 -3.07 5.28 -13.53
CA LEU A 105 -3.43 6.51 -14.24
C LEU A 105 -3.79 6.17 -15.68
N GLU A 106 -4.94 6.66 -16.13
CA GLU A 106 -5.35 6.39 -17.51
C GLU A 106 -6.23 7.50 -18.05
N VAL A 107 -6.27 7.63 -19.37
CA VAL A 107 -7.21 8.50 -20.06
C VAL A 107 -8.45 7.66 -20.33
N VAL A 108 -9.56 8.08 -19.74
CA VAL A 108 -10.82 7.35 -19.90
C VAL A 108 -11.73 7.86 -20.99
N ALA A 109 -11.51 9.08 -21.47
CA ALA A 109 -12.29 9.65 -22.57
C ALA A 109 -11.53 10.83 -23.14
N ALA A 110 -11.82 11.14 -24.40
CA ALA A 110 -11.11 12.21 -25.07
C ALA A 110 -12.02 12.87 -26.05
N THR A 111 -11.89 14.17 -26.17
CA THR A 111 -12.46 14.93 -27.27
C THR A 111 -11.29 15.56 -27.98
N PRO A 112 -11.56 16.28 -29.09
CA PRO A 112 -10.40 16.80 -29.83
C PRO A 112 -9.48 17.72 -29.04
N THR A 113 -9.97 18.34 -27.98
CA THR A 113 -9.13 19.25 -27.19
C THR A 113 -9.21 18.99 -25.69
N SER A 114 -9.77 17.86 -25.27
CA SER A 114 -9.84 17.54 -23.83
C SER A 114 -9.66 16.06 -23.57
N LEU A 115 -9.14 15.77 -22.37
CA LEU A 115 -8.93 14.41 -21.91
C LEU A 115 -9.52 14.30 -20.52
N LEU A 116 -10.27 13.24 -20.26
CA LEU A 116 -10.69 12.91 -18.89
C LEU A 116 -9.72 11.86 -18.40
N ILE A 117 -9.06 12.13 -17.29
CA ILE A 117 -8.15 11.16 -16.71
C ILE A 117 -8.69 10.63 -15.38
N SER A 118 -8.22 9.45 -15.02
CA SER A 118 -8.67 8.82 -13.79
C SER A 118 -7.54 7.99 -13.24
N TRP A 119 -7.53 7.85 -11.92
CA TRP A 119 -6.49 7.04 -11.27
C TRP A 119 -7.05 6.47 -10.01
N ASP A 120 -6.23 5.77 -9.25
CA ASP A 120 -6.70 5.22 -7.97
C ASP A 120 -5.89 5.85 -6.86
N ALA A 121 -6.59 6.26 -5.80
CA ALA A 121 -5.95 6.88 -4.64
C ALA A 121 -4.94 5.92 -4.02
N PRO A 122 -3.84 6.44 -3.51
CA PRO A 122 -3.03 5.63 -2.59
C PRO A 122 -3.78 5.35 -1.30
N ALA A 123 -3.30 4.39 -0.52
CA ALA A 123 -3.91 4.06 0.76
C ALA A 123 -3.43 4.93 1.90
N VAL A 124 -3.47 6.23 1.66
CA VAL A 124 -3.13 7.27 2.64
C VAL A 124 -4.19 8.36 2.53
N THR A 125 -4.18 9.32 3.44
CA THR A 125 -5.13 10.43 3.39
C THR A 125 -4.52 11.51 2.53
N VAL A 126 -5.09 11.70 1.35
CA VAL A 126 -4.58 12.65 0.39
C VAL A 126 -5.29 13.97 0.57
N ARG A 127 -4.53 15.06 0.70
CA ARG A 127 -5.11 16.39 0.83
C ARG A 127 -5.51 16.95 -0.53
N TYR A 128 -4.64 16.76 -1.52
CA TYR A 128 -4.97 17.18 -2.91
C TYR A 128 -4.07 16.39 -3.83
N TYR A 129 -4.49 16.33 -5.09
CA TYR A 129 -3.66 15.78 -6.14
C TYR A 129 -3.16 16.93 -6.98
N ARG A 130 -1.94 16.81 -7.46
CA ARG A 130 -1.45 17.82 -8.42
C ARG A 130 -1.35 17.12 -9.77
N ILE A 131 -1.92 17.77 -10.79
CA ILE A 131 -1.91 17.21 -12.14
C ILE A 131 -1.04 18.13 -12.98
N THR A 132 -0.10 17.56 -13.71
CA THR A 132 0.67 18.38 -14.66
C THR A 132 0.58 17.77 -16.06
N TYR A 133 0.71 18.61 -17.08
CA TYR A 133 0.63 18.09 -18.44
C TYR A 133 1.38 19.03 -19.38
N GLY A 134 1.98 18.45 -20.39
CA GLY A 134 2.64 19.25 -21.42
C GLY A 134 2.89 18.40 -22.66
N GLU A 135 3.17 19.05 -23.79
CA GLU A 135 3.46 18.32 -25.02
C GLU A 135 4.74 17.54 -24.86
N THR A 136 4.68 16.25 -25.15
CA THR A 136 5.87 15.41 -25.09
C THR A 136 6.87 15.97 -26.11
N GLY A 137 8.03 16.38 -25.63
CA GLY A 137 9.10 16.89 -26.49
C GLY A 137 8.95 18.32 -26.99
N GLY A 138 7.98 19.05 -26.44
CA GLY A 138 7.70 20.42 -26.87
C GLY A 138 8.48 21.43 -26.06
N ASN A 139 8.93 22.51 -26.71
CA ASN A 139 9.47 23.68 -26.01
C ASN A 139 8.35 24.34 -25.20
N SER A 140 7.22 23.66 -25.24
CA SER A 140 5.94 24.16 -24.78
C SER A 140 5.90 24.21 -23.25
N PRO A 141 5.14 25.16 -22.69
CA PRO A 141 5.00 25.29 -21.26
C PRO A 141 4.32 24.06 -20.61
N VAL A 142 4.91 23.54 -19.53
CA VAL A 142 4.24 22.53 -18.71
C VAL A 142 3.16 23.26 -17.93
N GLN A 143 1.96 22.70 -17.83
CA GLN A 143 0.87 23.34 -17.08
C GLN A 143 0.46 22.50 -15.86
N GLU A 144 -0.08 23.14 -14.83
CA GLU A 144 -0.42 22.43 -13.58
C GLU A 144 -1.78 22.85 -13.06
N PHE A 145 -2.45 21.97 -12.31
CA PHE A 145 -3.62 22.36 -11.53
C PHE A 145 -3.79 21.30 -10.47
N THR A 146 -4.71 21.54 -9.55
CA THR A 146 -5.01 20.60 -8.48
C THR A 146 -6.44 20.11 -8.52
N VAL A 147 -6.66 18.97 -7.87
CA VAL A 147 -8.01 18.53 -7.56
C VAL A 147 -8.04 18.08 -6.09
N PRO A 148 -9.23 18.15 -5.47
CA PRO A 148 -9.30 17.80 -4.05
C PRO A 148 -8.86 16.38 -3.83
N GLY A 149 -8.32 16.10 -2.66
CA GLY A 149 -7.79 14.76 -2.40
C GLY A 149 -8.88 13.69 -2.36
N SER A 150 -10.13 14.08 -2.21
CA SER A 150 -11.24 13.11 -2.18
C SER A 150 -11.63 12.57 -3.55
N LYS A 151 -11.06 13.11 -4.62
CA LYS A 151 -11.50 12.82 -5.97
C LYS A 151 -10.33 12.36 -6.83
N SER A 152 -10.46 11.24 -7.52
CA SER A 152 -9.35 10.73 -8.31
C SER A 152 -9.65 10.74 -9.80
N THR A 153 -10.25 11.81 -10.27
CA THR A 153 -10.46 12.07 -11.70
C THR A 153 -10.17 13.52 -11.96
N ALA A 154 -9.91 13.85 -13.22
CA ALA A 154 -9.75 15.25 -13.63
C ALA A 154 -10.02 15.35 -15.10
N THR A 155 -10.41 16.56 -15.51
CA THR A 155 -10.58 16.85 -16.94
C THR A 155 -9.51 17.87 -17.32
N ILE A 156 -8.75 17.56 -18.36
CA ILE A 156 -7.77 18.50 -18.90
C ILE A 156 -8.35 19.05 -20.20
N SER A 157 -8.41 20.39 -20.28
CA SER A 157 -9.04 21.06 -21.42
C SER A 157 -8.01 21.94 -22.14
N GLY A 158 -8.43 22.46 -23.30
CA GLY A 158 -7.58 23.41 -24.01
C GLY A 158 -6.35 22.80 -24.69
N LEU A 159 -6.44 21.52 -25.03
CA LEU A 159 -5.33 20.83 -25.68
C LEU A 159 -5.40 20.99 -27.20
N LYS A 160 -4.35 20.60 -27.91
CA LYS A 160 -4.32 20.63 -29.39
C LYS A 160 -4.61 19.23 -29.89
N PRO A 161 -5.40 19.07 -30.95
CA PRO A 161 -5.64 17.72 -31.49
C PRO A 161 -4.39 17.21 -32.21
N GLY A 162 -4.13 15.91 -32.16
CA GLY A 162 -3.01 15.32 -32.87
C GLY A 162 -1.64 15.49 -32.23
N VAL A 163 -1.59 15.75 -30.93
CA VAL A 163 -0.34 16.03 -30.25
C VAL A 163 -0.10 15.04 -29.12
N ASP A 164 1.15 14.64 -28.90
CA ASP A 164 1.48 13.74 -27.81
C ASP A 164 1.60 14.56 -26.53
N TYR A 165 0.93 14.14 -25.45
CA TYR A 165 1.05 14.81 -24.15
C TYR A 165 1.55 13.85 -23.10
N THR A 166 2.36 14.39 -22.19
CA THR A 166 2.75 13.67 -20.99
C THR A 166 1.94 14.23 -19.83
N ILE A 167 1.28 13.35 -19.09
CA ILE A 167 0.37 13.75 -18.01
C ILE A 167 0.87 13.07 -16.73
N THR A 168 1.01 13.84 -15.65
CA THR A 168 1.58 13.33 -14.42
C THR A 168 0.65 13.67 -13.27
N VAL A 169 0.57 12.75 -12.31
CA VAL A 169 -0.23 12.99 -11.11
C VAL A 169 0.62 12.73 -9.86
N TYR A 170 0.54 13.64 -8.92
CA TYR A 170 1.14 13.50 -7.58
C TYR A 170 0.06 13.46 -6.53
N ALA A 171 0.25 12.67 -5.47
CA ALA A 171 -0.67 12.71 -4.32
C ALA A 171 0.03 13.53 -3.24
N CYS A 172 -0.62 14.58 -2.75
CA CYS A 172 0.01 15.44 -1.75
C CYS A 172 -0.77 15.39 -0.45
N ARG A 173 0.00 15.25 0.63
CA ARG A 173 -0.55 15.23 2.00
C ARG A 173 -0.19 16.51 2.72
N ALA A 174 -1.04 16.97 3.62
CA ALA A 174 -0.55 18.19 4.31
C ALA A 174 -0.33 18.16 5.80
N ARG A 175 0.87 17.71 6.12
CA ARG A 175 1.24 17.41 7.51
C ARG A 175 2.28 18.34 8.13
N GLY A 176 3.33 18.70 7.38
CA GLY A 176 4.40 19.55 7.91
C GLY A 176 4.62 20.89 7.22
N ASP A 177 5.87 21.38 7.29
CA ASP A 177 6.20 22.70 6.77
C ASP A 177 5.92 22.87 5.29
N ASN A 178 6.07 21.79 4.51
CA ASN A 178 5.63 21.84 3.11
C ASN A 178 4.69 20.66 3.03
N PRO A 179 3.46 20.84 2.49
CA PRO A 179 2.88 19.67 1.82
C PRO A 179 3.97 18.60 1.58
N ASP A 180 3.59 17.34 1.67
CA ASP A 180 4.45 16.19 1.39
C ASP A 180 3.83 15.48 0.17
N CYS A 181 4.43 15.65 -0.99
CA CYS A 181 3.85 15.08 -2.22
C CYS A 181 4.62 13.84 -2.60
N SER A 182 3.85 12.83 -3.02
CA SER A 182 4.38 11.57 -3.48
C SER A 182 5.29 11.76 -4.67
N LYS A 183 6.05 10.71 -4.96
CA LYS A 183 6.60 10.62 -6.29
C LYS A 183 5.44 10.60 -7.29
N PRO A 184 5.67 11.17 -8.47
CA PRO A 184 4.56 11.18 -9.43
C PRO A 184 4.40 9.90 -10.23
N ILE A 185 3.23 9.70 -10.83
CA ILE A 185 2.97 8.67 -11.84
C ILE A 185 2.66 9.39 -13.14
N SER A 186 3.13 8.86 -14.28
CA SER A 186 2.96 9.56 -15.56
C SER A 186 2.47 8.62 -16.64
N ILE A 187 1.78 9.18 -17.62
CA ILE A 187 1.46 8.47 -18.86
C ILE A 187 1.64 9.38 -20.05
N ASN A 188 1.71 8.79 -21.24
CA ASN A 188 1.68 9.56 -22.47
C ASN A 188 0.37 9.29 -23.17
N TYR A 189 -0.14 10.30 -23.85
CA TYR A 189 -1.33 10.12 -24.64
C TYR A 189 -1.32 11.10 -25.81
N ARG A 190 -1.67 10.59 -26.99
CA ARG A 190 -1.76 11.41 -28.20
C ARG A 190 -3.22 11.79 -28.45
N THR A 191 -3.51 13.09 -28.48
CA THR A 191 -4.86 13.54 -28.77
C THR A 191 -5.17 13.36 -30.25
N GLY B 8 -34.65 21.99 -0.20
CA GLY B 8 -34.33 20.62 0.33
C GLY B 8 -33.20 20.65 1.34
N LEU B 9 -32.67 19.48 1.68
CA LEU B 9 -31.56 19.42 2.62
C LEU B 9 -30.26 19.76 1.92
N ASP B 10 -29.42 20.63 2.49
CA ASP B 10 -28.05 20.71 1.98
C ASP B 10 -27.18 19.52 2.41
N SER B 11 -26.07 19.38 1.70
CA SER B 11 -25.23 18.19 1.80
C SER B 11 -24.25 18.29 2.96
N PRO B 12 -23.84 17.14 3.51
CA PRO B 12 -22.63 17.20 4.35
C PRO B 12 -21.45 17.66 3.50
N THR B 13 -20.38 18.11 4.16
CA THR B 13 -19.20 18.61 3.45
C THR B 13 -17.92 18.02 4.06
N GLY B 14 -16.79 18.28 3.40
CA GLY B 14 -15.50 17.98 4.00
C GLY B 14 -15.24 16.52 4.26
N ILE B 15 -15.46 15.69 3.24
CA ILE B 15 -15.19 14.28 3.42
C ILE B 15 -13.70 14.06 3.69
N ASP B 16 -13.40 13.18 4.63
CA ASP B 16 -12.00 12.91 5.00
C ASP B 16 -11.89 11.45 5.40
N PHE B 17 -10.70 10.90 5.30
CA PHE B 17 -10.46 9.49 5.60
C PHE B 17 -9.29 9.36 6.56
N SER B 18 -9.38 8.41 7.45
CA SER B 18 -8.29 8.16 8.38
C SER B 18 -8.18 6.67 8.69
N ASP B 19 -7.15 6.28 9.43
CA ASP B 19 -7.05 4.92 9.93
C ASP B 19 -7.21 3.85 8.84
N ILE B 20 -6.48 4.05 7.77
CA ILE B 20 -6.61 3.21 6.59
C ILE B 20 -5.78 1.94 6.77
N THR B 21 -6.42 0.80 6.55
CA THR B 21 -5.77 -0.50 6.65
C THR B 21 -6.09 -1.29 5.41
N ALA B 22 -5.68 -2.55 5.35
CA ALA B 22 -6.04 -3.40 4.22
C ALA B 22 -7.53 -3.71 4.14
N ASN B 23 -8.25 -3.68 5.25
CA ASN B 23 -9.63 -4.13 5.25
C ASN B 23 -10.57 -3.12 5.86
N SER B 24 -10.11 -1.89 6.09
CA SER B 24 -10.96 -0.89 6.72
C SER B 24 -10.43 0.51 6.48
N PHE B 25 -11.33 1.49 6.65
CA PHE B 25 -10.91 2.87 6.86
C PHE B 25 -12.02 3.60 7.57
N THR B 26 -11.70 4.78 8.12
CA THR B 26 -12.70 5.58 8.81
C THR B 26 -13.00 6.79 7.93
N VAL B 27 -14.28 7.06 7.72
CA VAL B 27 -14.74 8.16 6.88
C VAL B 27 -15.30 9.20 7.85
N HIS B 28 -15.04 10.47 7.55
CA HIS B 28 -15.44 11.63 8.37
C HIS B 28 -16.12 12.64 7.47
N TRP B 29 -17.03 13.43 8.04
CA TRP B 29 -17.66 14.51 7.31
C TRP B 29 -18.09 15.60 8.30
N ILE B 30 -18.55 16.72 7.74
CA ILE B 30 -19.06 17.87 8.48
C ILE B 30 -20.55 17.98 8.19
N ALA B 31 -21.33 18.26 9.22
CA ALA B 31 -22.77 18.34 9.10
C ALA B 31 -23.22 19.49 8.19
N PRO B 32 -24.39 19.34 7.54
CA PRO B 32 -24.96 20.45 6.80
C PRO B 32 -25.55 21.51 7.72
N ARG B 33 -25.93 22.64 7.12
CA ARG B 33 -26.65 23.75 7.76
C ARG B 33 -28.05 23.33 8.24
N ALA B 34 -28.77 22.58 7.41
CA ALA B 34 -30.15 22.16 7.70
C ALA B 34 -30.36 21.29 8.95
N THR B 35 -31.62 21.15 9.38
CA THR B 35 -32.03 20.24 10.46
C THR B 35 -32.18 18.82 9.88
N ILE B 36 -31.53 17.83 10.50
CA ILE B 36 -31.49 16.46 9.96
C ILE B 36 -31.70 15.42 11.07
N THR B 37 -31.96 14.16 10.67
CA THR B 37 -32.05 12.95 11.53
C THR B 37 -30.74 12.12 11.63
N GLY B 38 -30.00 12.04 10.54
CA GLY B 38 -28.77 11.28 10.55
C GLY B 38 -28.32 11.19 9.11
N TYR B 39 -27.49 10.18 8.86
CA TYR B 39 -26.83 10.04 7.57
C TYR B 39 -26.99 8.64 7.02
N ARG B 40 -26.95 8.52 5.70
CA ARG B 40 -26.86 7.22 5.06
C ARG B 40 -25.53 7.22 4.34
N ILE B 41 -24.74 6.19 4.62
CA ILE B 41 -23.43 6.06 3.96
C ILE B 41 -23.47 4.81 3.08
N ARG B 42 -23.11 4.96 1.81
CA ARG B 42 -23.00 3.81 0.92
C ARG B 42 -21.56 3.70 0.43
N HIS B 43 -21.09 2.49 0.23
CA HIS B 43 -19.76 2.31 -0.35
C HIS B 43 -19.70 1.06 -1.22
N HIS B 44 -18.87 1.15 -2.27
CA HIS B 44 -18.69 0.01 -3.16
C HIS B 44 -17.31 0.09 -3.79
N PRO B 45 -16.72 -1.04 -4.19
CA PRO B 45 -15.47 -0.97 -4.93
C PRO B 45 -15.72 -0.30 -6.24
N GLU B 46 -14.76 0.50 -6.68
CA GLU B 46 -14.93 1.21 -7.95
C GLU B 46 -15.26 0.19 -9.04
N HIS B 47 -16.16 0.62 -9.91
CA HIS B 47 -16.64 -0.11 -11.09
C HIS B 47 -17.63 -1.21 -10.80
N PHE B 48 -17.78 -1.59 -9.53
CA PHE B 48 -18.77 -2.61 -9.20
C PHE B 48 -20.12 -2.02 -9.51
N SER B 49 -20.93 -2.79 -10.21
CA SER B 49 -22.20 -2.28 -10.75
C SER B 49 -23.38 -2.78 -9.95
N GLY B 50 -23.09 -3.62 -8.96
CA GLY B 50 -24.14 -4.17 -8.10
C GLY B 50 -24.49 -3.21 -6.96
N ARG B 51 -25.25 -3.72 -5.99
CA ARG B 51 -25.71 -2.94 -4.85
C ARG B 51 -24.53 -2.56 -3.96
N PRO B 52 -24.42 -1.29 -3.60
CA PRO B 52 -23.44 -0.91 -2.61
C PRO B 52 -23.82 -1.39 -1.23
N ARG B 53 -22.82 -1.50 -0.36
CA ARG B 53 -23.10 -1.69 1.05
C ARG B 53 -23.61 -0.40 1.66
N GLU B 54 -24.46 -0.50 2.67
CA GLU B 54 -25.11 0.67 3.24
C GLU B 54 -25.08 0.63 4.75
N ASP B 55 -24.85 1.80 5.34
CA ASP B 55 -24.95 1.99 6.79
C ASP B 55 -25.70 3.27 7.08
N ARG B 56 -26.44 3.25 8.19
CA ARG B 56 -27.06 4.47 8.65
C ARG B 56 -26.57 4.83 10.05
N VAL B 57 -26.36 6.12 10.28
CA VAL B 57 -25.97 6.61 11.59
C VAL B 57 -26.81 7.83 11.98
N PRO B 58 -27.01 8.05 13.30
CA PRO B 58 -27.72 9.22 13.80
C PRO B 58 -26.90 10.50 13.65
N HIS B 59 -27.59 11.63 13.78
CA HIS B 59 -27.01 12.94 13.53
C HIS B 59 -25.86 13.29 14.47
N SER B 60 -25.79 12.57 15.59
CA SER B 60 -24.76 12.85 16.58
C SER B 60 -23.42 12.32 16.07
N ARG B 61 -23.44 11.55 14.98
CA ARG B 61 -22.21 11.04 14.44
C ARG B 61 -21.74 11.70 13.16
N ASN B 62 -20.44 11.96 13.09
CA ASN B 62 -19.83 12.54 11.90
C ASN B 62 -18.69 11.69 11.38
N SER B 63 -18.70 10.41 11.74
CA SER B 63 -17.75 9.45 11.19
C SER B 63 -18.27 8.04 11.27
N ILE B 64 -17.66 7.16 10.48
CA ILE B 64 -17.96 5.74 10.58
C ILE B 64 -16.75 4.96 10.11
N THR B 65 -16.43 3.85 10.77
CA THR B 65 -15.39 2.94 10.32
C THR B 65 -16.00 1.82 9.49
N LEU B 66 -15.61 1.79 8.22
CA LEU B 66 -16.06 0.74 7.30
C LEU B 66 -15.09 -0.43 7.39
N THR B 67 -15.62 -1.64 7.61
CA THR B 67 -14.80 -2.82 7.80
C THR B 67 -15.16 -3.88 6.77
N ASN B 68 -14.42 -4.99 6.76
CA ASN B 68 -14.60 -6.07 5.79
C ASN B 68 -14.43 -5.59 4.36
N LEU B 69 -13.54 -4.62 4.18
CA LEU B 69 -13.21 -4.15 2.84
C LEU B 69 -12.19 -5.09 2.20
N THR B 70 -12.07 -4.99 0.89
CA THR B 70 -11.11 -5.78 0.14
C THR B 70 -9.81 -4.97 0.07
N PRO B 71 -8.65 -5.63 0.24
CA PRO B 71 -7.35 -4.91 0.16
C PRO B 71 -7.08 -4.40 -1.25
N GLY B 72 -6.27 -3.35 -1.31
CA GLY B 72 -5.77 -2.85 -2.58
C GLY B 72 -6.88 -2.37 -3.50
N THR B 73 -7.95 -1.84 -2.94
CA THR B 73 -9.13 -1.52 -3.74
C THR B 73 -9.50 -0.07 -3.51
N GLU B 74 -9.83 0.64 -4.60
CA GLU B 74 -10.40 1.99 -4.43
C GLU B 74 -11.90 1.90 -4.29
N TYR B 75 -12.42 2.50 -3.23
CA TYR B 75 -13.84 2.55 -2.94
C TYR B 75 -14.44 3.90 -3.33
N VAL B 76 -15.68 3.86 -3.75
CA VAL B 76 -16.52 5.05 -3.85
C VAL B 76 -17.39 5.10 -2.61
N VAL B 77 -17.36 6.24 -1.91
CA VAL B 77 -18.11 6.40 -0.67
C VAL B 77 -19.05 7.57 -0.86
N SER B 78 -20.34 7.39 -0.53
CA SER B 78 -21.33 8.46 -0.69
C SER B 78 -22.05 8.66 0.65
N ILE B 79 -22.09 9.90 1.12
CA ILE B 79 -22.77 10.23 2.37
C ILE B 79 -23.93 11.16 2.05
N VAL B 80 -25.12 10.79 2.50
CA VAL B 80 -26.22 11.74 2.35
C VAL B 80 -26.81 12.04 3.73
N ALA B 81 -27.21 13.28 3.91
CA ALA B 81 -27.97 13.71 5.08
C ALA B 81 -29.44 13.32 4.89
N LEU B 82 -30.09 12.93 5.98
CA LEU B 82 -31.49 12.56 5.96
C LEU B 82 -32.25 13.38 6.99
N ASN B 83 -33.46 13.80 6.61
CA ASN B 83 -34.46 14.32 7.54
C ASN B 83 -35.70 13.55 7.14
N GLY B 84 -35.86 12.42 7.83
CA GLY B 84 -36.78 11.36 7.46
C GLY B 84 -36.39 10.74 6.11
N ARG B 85 -37.41 10.66 5.26
CA ARG B 85 -37.30 10.19 3.88
C ARG B 85 -36.50 11.17 3.03
N GLU B 86 -36.61 12.47 3.31
CA GLU B 86 -35.97 13.50 2.51
C GLU B 86 -34.47 13.32 2.58
N GLU B 87 -33.78 13.38 1.45
CA GLU B 87 -32.33 13.20 1.46
C GLU B 87 -31.58 14.31 0.75
N SER B 88 -30.40 14.66 1.26
CA SER B 88 -29.60 15.67 0.60
C SER B 88 -28.92 15.07 -0.64
N PRO B 89 -28.39 15.92 -1.53
CA PRO B 89 -27.45 15.40 -2.52
C PRO B 89 -26.23 14.80 -1.82
N PRO B 90 -25.55 13.88 -2.49
CA PRO B 90 -24.49 13.11 -1.83
C PRO B 90 -23.17 13.86 -1.75
N LEU B 91 -22.44 13.61 -0.68
CA LEU B 91 -21.06 13.98 -0.56
C LEU B 91 -20.24 12.73 -0.93
N ILE B 92 -19.38 12.85 -1.93
CA ILE B 92 -18.68 11.71 -2.53
C ILE B 92 -17.18 11.79 -2.30
N GLY B 93 -16.58 10.66 -1.96
CA GLY B 93 -15.14 10.58 -1.94
C GLY B 93 -14.63 9.24 -2.41
N GLN B 94 -13.35 9.19 -2.76
CA GLN B 94 -12.72 7.98 -3.27
C GLN B 94 -11.48 7.73 -2.44
N GLN B 95 -11.40 6.53 -1.86
CA GLN B 95 -10.27 6.17 -0.98
C GLN B 95 -9.92 4.71 -1.23
N SER B 96 -8.63 4.39 -1.26
CA SER B 96 -8.20 3.00 -1.35
C SER B 96 -7.79 2.42 -0.02
N THR B 97 -7.97 1.10 0.10
CA THR B 97 -7.37 0.35 1.18
C THR B 97 -5.93 -0.05 0.83
N VAL B 98 -5.18 -0.39 1.89
CA VAL B 98 -3.80 -0.84 1.70
C VAL B 98 -3.79 -2.16 0.92
N SER B 99 -2.85 -2.28 -0.02
CA SER B 99 -2.66 -3.56 -0.72
C SER B 99 -1.97 -4.60 0.16
N ASP B 100 -2.44 -5.85 0.10
CA ASP B 100 -1.82 -6.93 0.86
C ASP B 100 -0.94 -7.83 -0.01
N VAL B 101 -0.71 -7.44 -1.26
CA VAL B 101 -0.03 -8.33 -2.19
C VAL B 101 1.49 -8.07 -2.17
N PRO B 102 2.32 -9.10 -2.30
CA PRO B 102 3.75 -8.87 -2.50
C PRO B 102 4.03 -8.10 -3.79
N ARG B 103 5.22 -7.50 -3.86
CA ARG B 103 5.62 -6.77 -5.07
C ARG B 103 6.96 -7.27 -5.59
N ASP B 104 7.21 -7.05 -6.88
CA ASP B 104 8.56 -7.15 -7.42
C ASP B 104 9.22 -8.50 -7.20
N LEU B 105 8.46 -9.56 -7.50
CA LEU B 105 9.02 -10.90 -7.43
C LEU B 105 10.13 -11.05 -8.47
N GLU B 106 11.26 -11.63 -8.10
CA GLU B 106 12.31 -11.89 -9.06
C GLU B 106 13.25 -13.00 -8.66
N VAL B 107 13.89 -13.59 -9.66
CA VAL B 107 14.97 -14.53 -9.42
C VAL B 107 16.24 -13.71 -9.26
N VAL B 108 16.90 -13.88 -8.12
CA VAL B 108 18.14 -13.13 -7.89
C VAL B 108 19.43 -13.95 -8.03
N ALA B 109 19.33 -15.27 -8.01
CA ALA B 109 20.49 -16.14 -8.28
C ALA B 109 19.96 -17.50 -8.74
N ALA B 110 20.81 -18.26 -9.42
CA ALA B 110 20.42 -19.58 -9.92
C ALA B 110 21.61 -20.54 -9.85
N THR B 111 21.31 -21.80 -9.59
CA THR B 111 22.23 -22.90 -9.88
C THR B 111 21.57 -23.80 -10.90
N PRO B 112 22.25 -24.86 -11.36
CA PRO B 112 21.53 -25.69 -12.32
C PRO B 112 20.24 -26.34 -11.82
N THR B 113 20.04 -26.46 -10.52
CA THR B 113 18.87 -27.15 -10.00
C THR B 113 18.12 -26.33 -8.94
N SER B 114 18.51 -25.07 -8.78
CA SER B 114 17.85 -24.23 -7.80
C SER B 114 17.74 -22.78 -8.25
N LEU B 115 16.74 -22.07 -7.70
CA LEU B 115 16.56 -20.65 -7.98
C LEU B 115 16.37 -19.93 -6.64
N LEU B 116 17.05 -18.80 -6.44
CA LEU B 116 16.84 -17.99 -5.27
C LEU B 116 15.90 -16.86 -5.69
N ILE B 117 14.73 -16.80 -5.06
CA ILE B 117 13.76 -15.76 -5.39
C ILE B 117 13.61 -14.74 -4.26
N SER B 118 13.18 -13.54 -4.61
CA SER B 118 13.10 -12.45 -3.64
C SER B 118 11.96 -11.56 -4.08
N TRP B 119 11.28 -10.93 -3.13
CA TRP B 119 10.15 -10.05 -3.45
C TRP B 119 10.12 -8.96 -2.40
N ASP B 120 9.12 -8.09 -2.44
CA ASP B 120 8.97 -7.08 -1.41
C ASP B 120 7.67 -7.30 -0.66
N ALA B 121 7.75 -7.18 0.66
CA ALA B 121 6.59 -7.39 1.53
C ALA B 121 5.51 -6.35 1.23
N PRO B 122 4.25 -6.75 1.31
CA PRO B 122 3.18 -5.72 1.36
C PRO B 122 3.30 -4.92 2.65
N ALA B 123 2.61 -3.79 2.69
CA ALA B 123 2.55 -2.94 3.87
C ALA B 123 1.51 -3.41 4.86
N VAL B 124 1.54 -4.72 5.15
CA VAL B 124 0.71 -5.32 6.19
C VAL B 124 1.58 -6.29 6.96
N THR B 125 1.08 -6.82 8.06
CA THR B 125 1.85 -7.80 8.83
C THR B 125 1.64 -9.19 8.26
N VAL B 126 2.69 -9.74 7.67
CA VAL B 126 2.59 -11.04 6.99
C VAL B 126 3.00 -12.14 7.96
N ARG B 127 2.14 -13.16 8.12
CA ARG B 127 2.51 -14.32 8.93
C ARG B 127 3.34 -15.37 8.19
N TYR B 128 2.99 -15.60 6.92
CA TYR B 128 3.84 -16.46 6.10
C TYR B 128 3.60 -16.12 4.65
N TYR B 129 4.55 -16.51 3.81
CA TYR B 129 4.37 -16.40 2.36
C TYR B 129 4.21 -17.80 1.81
N ARG B 130 3.37 -17.93 0.78
CA ARG B 130 3.21 -19.21 0.11
C ARG B 130 3.80 -19.10 -1.28
N ILE B 131 4.65 -20.04 -1.66
CA ILE B 131 5.29 -20.04 -2.96
C ILE B 131 4.79 -21.25 -3.75
N THR B 132 4.44 -21.01 -5.02
CA THR B 132 4.13 -22.11 -5.92
C THR B 132 5.09 -22.11 -7.10
N TYR B 133 5.39 -23.30 -7.63
CA TYR B 133 6.30 -23.35 -8.78
C TYR B 133 6.04 -24.60 -9.59
N GLY B 134 6.20 -24.47 -10.90
CA GLY B 134 6.11 -25.62 -11.78
C GLY B 134 6.62 -25.23 -13.14
N GLU B 135 6.92 -26.23 -13.95
CA GLU B 135 7.46 -25.99 -15.28
C GLU B 135 6.42 -25.24 -16.10
N THR B 136 6.90 -24.29 -16.90
CA THR B 136 5.98 -23.58 -17.79
C THR B 136 5.70 -24.49 -18.98
N GLY B 137 4.42 -24.62 -19.28
CA GLY B 137 3.97 -25.43 -20.42
C GLY B 137 3.87 -26.92 -20.10
N GLY B 138 3.24 -27.65 -21.01
CA GLY B 138 2.91 -29.05 -20.79
C GLY B 138 2.05 -29.23 -19.56
N ASN B 139 2.27 -30.34 -18.85
CA ASN B 139 1.56 -30.57 -17.62
C ASN B 139 2.38 -31.32 -16.58
N SER B 140 3.32 -30.61 -15.98
CA SER B 140 4.20 -31.14 -14.94
C SER B 140 3.56 -30.84 -13.57
N PRO B 141 3.95 -31.61 -12.54
CA PRO B 141 3.45 -31.33 -11.20
C PRO B 141 3.78 -29.93 -10.72
N VAL B 142 2.86 -29.32 -10.02
CA VAL B 142 3.12 -28.03 -9.40
C VAL B 142 3.35 -28.30 -7.94
N GLN B 143 4.30 -27.59 -7.34
CA GLN B 143 4.59 -27.76 -5.92
C GLN B 143 4.40 -26.45 -5.19
N GLU B 144 4.16 -26.55 -3.89
CA GLU B 144 4.01 -25.36 -3.06
C GLU B 144 4.83 -25.55 -1.80
N PHE B 145 5.24 -24.44 -1.21
CA PHE B 145 5.80 -24.49 0.12
C PHE B 145 5.55 -23.13 0.75
N THR B 146 5.81 -23.04 2.04
CA THR B 146 5.65 -21.77 2.74
C THR B 146 6.95 -21.39 3.43
N VAL B 147 7.12 -20.09 3.62
CA VAL B 147 8.24 -19.56 4.44
C VAL B 147 7.68 -18.58 5.43
N PRO B 148 8.41 -18.34 6.53
CA PRO B 148 7.91 -17.36 7.53
C PRO B 148 7.80 -15.96 6.93
N GLY B 149 6.86 -15.20 7.49
CA GLY B 149 6.58 -13.85 7.00
C GLY B 149 7.72 -12.88 7.21
N SER B 150 8.69 -13.20 8.06
CA SER B 150 9.74 -12.23 8.36
C SER B 150 10.66 -11.87 7.22
N LYS B 151 10.87 -12.80 6.27
CA LYS B 151 11.83 -12.55 5.21
C LYS B 151 11.20 -12.84 3.86
N SER B 152 11.35 -11.90 2.95
CA SER B 152 10.77 -12.00 1.64
C SER B 152 11.71 -12.60 0.60
N THR B 153 12.25 -13.76 0.94
CA THR B 153 13.12 -14.54 0.03
C THR B 153 12.83 -16.02 0.22
N ALA B 154 13.21 -16.83 -0.75
CA ALA B 154 13.11 -18.28 -0.61
C ALA B 154 14.05 -18.90 -1.62
N THR B 155 14.41 -20.16 -1.39
CA THR B 155 15.17 -20.93 -2.38
C THR B 155 14.31 -22.06 -2.88
N ILE B 156 14.22 -22.20 -4.19
CA ILE B 156 13.48 -23.32 -4.77
C ILE B 156 14.55 -24.29 -5.27
N SER B 157 14.53 -25.53 -4.76
CA SER B 157 15.55 -26.56 -5.11
C SER B 157 14.93 -27.74 -5.86
N GLY B 158 15.78 -28.65 -6.34
CA GLY B 158 15.30 -29.87 -6.99
C GLY B 158 14.75 -29.61 -8.36
N LEU B 159 15.23 -28.57 -9.02
CA LEU B 159 14.67 -28.21 -10.31
C LEU B 159 15.40 -28.84 -11.49
N LYS B 160 14.79 -28.78 -12.67
CA LYS B 160 15.37 -29.29 -13.91
C LYS B 160 16.11 -28.14 -14.56
N PRO B 161 17.34 -28.40 -15.00
CA PRO B 161 18.12 -27.36 -15.63
C PRO B 161 17.54 -26.98 -16.98
N GLY B 162 17.57 -25.69 -17.27
CA GLY B 162 17.42 -25.21 -18.63
C GLY B 162 16.00 -25.32 -19.12
N VAL B 163 15.06 -25.24 -18.19
CA VAL B 163 13.66 -25.14 -18.58
C VAL B 163 12.98 -23.94 -17.94
N ASP B 164 11.90 -23.48 -18.57
CA ASP B 164 11.22 -22.31 -18.06
C ASP B 164 10.37 -22.73 -16.87
N TYR B 165 10.34 -21.89 -15.83
CA TYR B 165 9.48 -22.11 -14.66
C TYR B 165 8.47 -20.99 -14.49
N THR B 166 7.29 -21.33 -13.97
CA THR B 166 6.28 -20.37 -13.55
C THR B 166 6.25 -20.34 -12.00
N ILE B 167 6.43 -19.17 -11.41
CA ILE B 167 6.58 -19.05 -9.96
C ILE B 167 5.60 -18.02 -9.43
N THR B 168 4.89 -18.36 -8.35
CA THR B 168 3.93 -17.43 -7.78
C THR B 168 4.15 -17.29 -6.28
N VAL B 169 3.83 -16.11 -5.73
CA VAL B 169 3.94 -15.90 -4.29
C VAL B 169 2.67 -15.21 -3.79
N TYR B 170 2.21 -15.66 -2.62
CA TYR B 170 1.11 -15.06 -1.91
C TYR B 170 1.58 -14.60 -0.54
N ALA B 171 0.98 -13.52 -0.03
CA ALA B 171 1.24 -13.09 1.35
C ALA B 171 0.06 -13.46 2.23
N CYS B 172 0.31 -14.21 3.30
CA CYS B 172 -0.77 -14.74 4.12
C CYS B 172 -0.71 -14.16 5.53
N ARG B 173 -1.82 -13.62 5.96
CA ARG B 173 -1.90 -12.96 7.28
C ARG B 173 -2.39 -13.86 8.39
N ALA B 174 -3.00 -14.97 7.99
CA ALA B 174 -3.50 -16.00 8.92
C ALA B 174 -4.05 -15.36 10.18
N ARG B 175 -4.93 -14.38 9.98
CA ARG B 175 -5.88 -13.95 11.00
C ARG B 175 -7.02 -14.97 11.07
N GLY B 176 -7.35 -15.36 12.29
CA GLY B 176 -8.27 -16.47 12.51
C GLY B 176 -7.62 -17.80 12.23
N ASP B 177 -8.40 -18.72 11.66
CA ASP B 177 -8.07 -20.14 11.56
C ASP B 177 -7.80 -20.60 10.12
N ASN B 178 -7.66 -19.62 9.24
CA ASN B 178 -7.37 -19.87 7.82
C ASN B 178 -6.17 -19.09 7.30
N PRO B 179 -5.63 -19.54 6.16
CA PRO B 179 -4.45 -18.88 5.61
C PRO B 179 -4.63 -17.38 5.44
N ASP B 180 -5.82 -16.92 5.03
CA ASP B 180 -6.04 -15.49 4.95
C ASP B 180 -5.03 -14.71 4.04
N CYS B 181 -5.05 -15.10 2.78
CA CYS B 181 -3.98 -14.80 1.84
C CYS B 181 -4.39 -13.78 0.80
N SER B 182 -3.38 -13.02 0.38
CA SER B 182 -3.51 -12.09 -0.73
C SER B 182 -3.75 -12.83 -2.02
N LYS B 183 -4.17 -12.09 -3.04
CA LYS B 183 -3.99 -12.62 -4.40
C LYS B 183 -2.49 -12.87 -4.65
N PRO B 184 -2.16 -13.84 -5.51
CA PRO B 184 -0.75 -14.08 -5.78
C PRO B 184 -0.21 -13.12 -6.82
N ILE B 185 1.12 -12.95 -6.81
CA ILE B 185 1.84 -12.40 -7.97
C ILE B 185 2.71 -13.46 -8.59
N SER B 186 2.97 -13.34 -9.89
CA SER B 186 3.62 -14.44 -10.58
C SER B 186 4.65 -13.97 -11.60
N ILE B 187 5.62 -14.84 -11.90
CA ILE B 187 6.64 -14.56 -12.93
C ILE B 187 6.94 -15.81 -13.77
N ASN B 188 7.52 -15.60 -14.96
CA ASN B 188 8.26 -16.66 -15.67
C ASN B 188 9.74 -16.42 -15.52
N TYR B 189 10.52 -17.49 -15.47
CA TYR B 189 11.99 -17.39 -15.47
C TYR B 189 12.62 -18.58 -16.21
N ARG B 190 13.73 -18.33 -16.89
CA ARG B 190 14.61 -19.37 -17.44
C ARG B 190 16.02 -18.82 -17.39
N THR B 191 16.97 -19.72 -17.21
CA THR B 191 18.40 -19.41 -17.29
C THR B 191 18.93 -19.33 -18.71
CA CA C . 12.85 -7.37 -1.21
CA CA D . -10.20 5.16 -9.72
#